data_5FF5
#
_entry.id   5FF5
#
_cell.length_a   68.962
_cell.length_b   170.409
_cell.length_c   64.323
_cell.angle_alpha   90.000
_cell.angle_beta   90.000
_cell.angle_gamma   90.000
#
_symmetry.space_group_name_H-M   'P 21 21 2'
#
loop_
_entity.id
_entity.type
_entity.pdbx_description
1 polymer PaaA
2 non-polymer 'SULFATE ION'
3 non-polymer GLYCEROL
4 non-polymer 'NICKEL (II) ION'
5 water water
#
_entity_poly.entity_id   1
_entity_poly.type   'polypeptide(L)'
_entity_poly.pdbx_seq_one_letter_code
;(MSE)SLTNVKPLIKESHHIILADDGDICIGEIPGVSQVINDPPSWVRPALAK(MSE)DGKRTVPRIFKELVSEGVQIES
EHLEGLVAGLAERKLLQDNSFFSKVLSGEEVERYNRQILQFSLIDADNQHPFVYQERLKQSKVAIFG(MSE)GGWGTWCA
LQLA(MSE)SGIGTLRLIDGDDVELSNINRQVLYRTDDVGKNKVDAAKDTILAYNENVHVETFFEFASPDRARLEELVGD
STFIILAWAALGYYRKDTAEEIIHSIAKDKAIPVIELGGDPLEISVGPIYLNDGVHSGFDEVKNSVKDKYYDSNSDIRKF
QEARLKHSFIDGDRKVNAWQSAPSLSI(MSE)AGIVTDQVVKTITGYDKPHLVGKKFILSLQDFRSREEEIFKLEHHHHH
H
;
_entity_poly.pdbx_strand_id   A,B
#
# COMPACT_ATOMS: atom_id res chain seq x y z
N LYS A 11 -1.27 25.95 -12.97
CA LYS A 11 -0.58 25.18 -11.92
C LYS A 11 -0.80 23.72 -12.21
N GLU A 12 0.22 23.09 -12.78
CA GLU A 12 0.12 21.79 -13.45
C GLU A 12 -0.34 20.65 -12.57
N SER A 13 -0.52 20.94 -11.29
CA SER A 13 -1.18 20.01 -10.40
C SER A 13 -2.69 19.99 -10.61
N HIS A 14 -3.26 21.16 -10.91
CA HIS A 14 -4.71 21.30 -10.96
C HIS A 14 -5.34 21.10 -12.33
N HIS A 15 -6.43 20.36 -12.33
CA HIS A 15 -7.24 20.17 -13.50
C HIS A 15 -8.19 21.33 -13.51
N ILE A 16 -8.74 21.67 -14.66
CA ILE A 16 -9.81 22.64 -14.65
C ILE A 16 -11.08 21.92 -15.01
N ILE A 17 -11.92 21.67 -13.99
CA ILE A 17 -13.08 20.82 -14.12
C ILE A 17 -14.31 21.57 -14.64
N LEU A 18 -15.13 20.88 -15.43
CA LEU A 18 -16.34 21.46 -16.02
C LEU A 18 -17.60 20.76 -15.54
N ALA A 19 -18.26 21.38 -14.56
CA ALA A 19 -19.47 20.79 -14.00
C ALA A 19 -20.57 20.83 -15.04
N ASP A 20 -21.53 19.92 -14.91
CA ASP A 20 -22.57 19.78 -15.93
C ASP A 20 -23.31 21.10 -16.13
N ASP A 21 -23.57 21.81 -15.06
CA ASP A 21 -24.25 23.10 -15.18
C ASP A 21 -23.34 24.25 -15.68
N GLY A 22 -22.08 23.94 -15.96
CA GLY A 22 -21.17 24.94 -16.51
C GLY A 22 -20.22 25.65 -15.54
N ASP A 23 -20.36 25.42 -14.24
CA ASP A 23 -19.44 26.00 -13.25
C ASP A 23 -18.05 25.39 -13.40
N ILE A 24 -17.02 26.14 -13.00
CA ILE A 24 -15.65 25.62 -13.08
C ILE A 24 -14.95 25.55 -11.72
N CYS A 25 -14.20 24.48 -11.53
CA CYS A 25 -13.40 24.30 -10.32
C CYS A 25 -11.96 23.96 -10.67
N ILE A 26 -11.07 24.91 -10.42
CA ILE A 26 -9.65 24.68 -10.67
C ILE A 26 -8.96 23.86 -9.55
N GLY A 27 -8.86 22.55 -9.74
CA GLY A 27 -8.31 21.64 -8.75
C GLY A 27 -9.21 20.42 -8.54
N GLU A 28 -8.61 19.26 -8.34
CA GLU A 28 -9.36 18.00 -8.36
C GLU A 28 -10.09 17.69 -7.07
N ILE A 29 -9.71 18.34 -5.99
CA ILE A 29 -10.22 17.92 -4.69
C ILE A 29 -10.14 19.03 -3.66
N PRO A 30 -10.88 20.13 -3.92
CA PRO A 30 -10.93 21.33 -3.09
C PRO A 30 -11.12 20.99 -1.61
N GLY A 31 -10.02 20.91 -0.85
CA GLY A 31 -8.68 21.20 -1.35
C GLY A 31 -8.40 22.70 -1.34
N VAL A 32 -9.48 23.46 -1.16
CA VAL A 32 -9.50 24.91 -1.33
C VAL A 32 -9.00 25.26 -2.74
N SER A 33 -9.61 24.62 -3.73
CA SER A 33 -9.50 25.04 -5.13
C SER A 33 -10.50 26.16 -5.34
N GLN A 34 -10.13 27.18 -6.10
CA GLN A 34 -11.10 28.22 -6.45
C GLN A 34 -12.26 27.60 -7.21
N VAL A 35 -13.45 28.06 -6.87
CA VAL A 35 -14.65 27.66 -7.58
C VAL A 35 -15.27 28.91 -8.19
N ILE A 36 -15.18 29.02 -9.51
CA ILE A 36 -15.85 30.09 -10.24
C ILE A 36 -17.28 29.70 -10.58
N ASN A 37 -18.25 30.38 -9.97
CA ASN A 37 -19.66 30.12 -10.26
C ASN A 37 -20.15 30.95 -11.44
N ASP A 38 -20.98 30.36 -12.27
CA ASP A 38 -21.59 31.09 -13.37
C ASP A 38 -20.57 31.97 -14.08
N PRO A 39 -19.49 31.37 -14.61
CA PRO A 39 -18.50 32.20 -15.29
C PRO A 39 -19.02 32.78 -16.61
N PRO A 40 -18.59 34.00 -16.94
CA PRO A 40 -18.77 34.50 -18.30
C PRO A 40 -18.43 33.42 -19.32
N SER A 41 -19.17 33.39 -20.42
CA SER A 41 -18.88 32.47 -21.52
C SER A 41 -17.39 32.43 -21.88
N TRP A 42 -16.66 33.53 -21.63
CA TRP A 42 -15.33 33.65 -22.18
C TRP A 42 -14.21 32.86 -21.43
N VAL A 43 -14.50 32.40 -20.21
CA VAL A 43 -13.48 31.81 -19.34
C VAL A 43 -13.01 30.41 -19.78
N ARG A 44 -13.96 29.57 -20.18
CA ARG A 44 -13.66 28.23 -20.69
C ARG A 44 -12.62 28.21 -21.83
N PRO A 45 -12.69 29.17 -22.78
CA PRO A 45 -11.64 29.29 -23.80
C PRO A 45 -10.43 30.09 -23.29
N ALA A 46 -10.68 30.98 -22.33
CA ALA A 46 -9.62 31.76 -21.71
C ALA A 46 -8.64 30.86 -20.99
N LEU A 47 -9.08 30.28 -19.87
CA LEU A 47 -8.23 29.37 -19.08
C LEU A 47 -7.61 28.30 -19.96
N ALA A 48 -8.41 27.71 -20.85
CA ALA A 48 -7.95 26.64 -21.73
C ALA A 48 -6.71 26.99 -22.54
N LYS A 49 -6.26 28.24 -22.44
CA LYS A 49 -5.16 28.72 -23.28
C LYS A 49 -4.15 29.48 -22.45
N ASP A 51 -1.60 28.34 -20.48
CA ASP A 51 -0.27 27.73 -20.28
C ASP A 51 0.68 28.15 -21.38
N GLY A 52 1.84 28.69 -20.99
CA GLY A 52 2.77 29.28 -21.94
C GLY A 52 3.78 30.21 -21.29
N ARG A 58 -2.46 40.05 -22.36
CA ARG A 58 -1.85 40.65 -23.54
C ARG A 58 -1.81 39.63 -24.67
N ILE A 59 -0.93 38.66 -24.48
CA ILE A 59 -0.75 37.55 -25.40
C ILE A 59 -2.11 36.92 -25.75
N PHE A 60 -2.89 36.63 -24.71
CA PHE A 60 -4.11 35.84 -24.87
C PHE A 60 -5.26 36.60 -25.52
N LYS A 61 -5.39 37.90 -25.22
CA LYS A 61 -6.46 38.72 -25.78
C LYS A 61 -6.42 38.61 -27.29
N GLU A 62 -5.19 38.56 -27.80
CA GLU A 62 -4.93 38.28 -29.21
C GLU A 62 -5.74 37.07 -29.73
N LEU A 63 -5.57 35.92 -29.07
CA LEU A 63 -6.15 34.64 -29.54
C LEU A 63 -7.68 34.69 -29.74
N VAL A 64 -8.38 35.36 -28.82
CA VAL A 64 -9.82 35.53 -28.92
C VAL A 64 -10.24 36.29 -30.23
N SER A 65 -9.24 36.63 -31.04
CA SER A 65 -9.44 37.28 -32.32
C SER A 65 -9.08 36.34 -33.48
N GLN A 69 -15.94 35.79 -27.13
CA GLN A 69 -16.24 37.22 -27.02
C GLN A 69 -15.85 37.72 -25.62
N ILE A 70 -15.01 38.74 -25.55
CA ILE A 70 -14.43 39.12 -24.26
C ILE A 70 -13.78 40.48 -24.26
N GLU A 71 -13.56 41.01 -23.05
CA GLU A 71 -13.01 42.35 -22.83
C GLU A 71 -11.65 42.36 -22.10
N SER A 72 -10.74 43.23 -22.56
CA SER A 72 -9.32 43.21 -22.15
C SER A 72 -9.09 43.34 -20.65
N GLU A 73 -9.73 44.31 -20.01
CA GLU A 73 -9.57 44.48 -18.56
C GLU A 73 -10.18 43.27 -17.84
N HIS A 74 -11.27 42.75 -18.40
CA HIS A 74 -11.95 41.57 -17.84
C HIS A 74 -11.03 40.33 -17.86
N LEU A 75 -10.11 40.29 -18.82
CA LEU A 75 -9.12 39.22 -18.92
C LEU A 75 -8.00 39.30 -17.86
N GLU A 76 -7.55 40.52 -17.54
CA GLU A 76 -6.47 40.71 -16.56
C GLU A 76 -6.91 40.44 -15.13
N GLY A 77 -8.12 40.87 -14.77
CA GLY A 77 -8.66 40.58 -13.47
C GLY A 77 -8.73 39.08 -13.24
N LEU A 78 -9.11 38.37 -14.29
CA LEU A 78 -9.19 36.91 -14.24
C LEU A 78 -7.81 36.39 -13.90
N VAL A 79 -6.81 36.91 -14.60
CA VAL A 79 -5.42 36.57 -14.34
C VAL A 79 -5.01 37.15 -13.00
N ALA A 80 -5.50 38.36 -12.72
CA ALA A 80 -5.28 39.00 -11.43
C ALA A 80 -5.70 38.05 -10.31
N GLY A 81 -6.95 37.60 -10.41
CA GLY A 81 -7.58 36.77 -9.40
C GLY A 81 -6.80 35.50 -9.15
N LEU A 82 -6.57 34.75 -10.22
CA LEU A 82 -5.81 33.51 -10.15
C LEU A 82 -4.47 33.67 -9.44
N ALA A 83 -3.98 34.91 -9.35
CA ALA A 83 -2.73 35.17 -8.65
C ALA A 83 -2.83 35.10 -7.12
N GLU A 84 -3.71 35.90 -6.53
CA GLU A 84 -3.87 35.92 -5.07
C GLU A 84 -4.55 34.65 -4.55
N ARG A 85 -5.17 33.90 -5.45
CA ARG A 85 -5.76 32.60 -5.10
C ARG A 85 -4.73 31.47 -4.98
N LYS A 86 -3.48 31.78 -5.30
CA LYS A 86 -2.39 30.81 -5.28
C LYS A 86 -2.75 29.62 -6.18
N LEU A 87 -3.21 29.91 -7.38
CA LEU A 87 -3.56 28.88 -8.35
C LEU A 87 -2.72 28.99 -9.62
N LEU A 88 -1.85 29.98 -9.69
CA LEU A 88 -1.08 30.22 -10.91
C LEU A 88 0.39 29.80 -10.70
N GLN A 89 0.99 29.31 -11.78
CA GLN A 89 2.30 28.66 -11.68
C GLN A 89 3.46 29.65 -11.54
N ASP A 90 4.53 29.20 -10.91
CA ASP A 90 5.74 30.02 -10.73
C ASP A 90 6.93 29.48 -11.49
N ASN A 91 7.00 29.85 -12.77
CA ASN A 91 8.02 29.37 -13.69
C ASN A 91 9.45 29.77 -13.31
N SER A 92 9.58 30.82 -12.47
CA SER A 92 10.89 31.37 -12.09
C SER A 92 11.63 30.58 -11.02
N PHE A 93 11.00 29.58 -10.42
CA PHE A 93 11.60 28.87 -9.29
C PHE A 93 12.26 27.57 -9.67
N PHE A 94 13.56 27.47 -9.39
CA PHE A 94 14.28 26.25 -9.67
C PHE A 94 14.83 25.69 -8.37
N SER A 95 14.96 24.38 -8.26
CA SER A 95 15.43 23.81 -7.01
C SER A 95 16.95 23.67 -7.03
N LYS A 96 17.59 24.04 -5.93
CA LYS A 96 19.04 23.87 -5.86
C LYS A 96 19.39 22.59 -5.12
N VAL A 97 18.37 21.85 -4.69
CA VAL A 97 18.57 20.65 -3.90
C VAL A 97 18.36 19.40 -4.74
N LEU A 98 17.25 19.39 -5.47
CA LEU A 98 16.86 18.22 -6.25
C LEU A 98 17.51 18.21 -7.64
N SER A 99 17.79 17.02 -8.16
CA SER A 99 18.42 16.91 -9.47
C SER A 99 17.37 16.90 -10.57
N GLY A 100 17.83 16.84 -11.82
CA GLY A 100 16.93 16.69 -12.93
C GLY A 100 16.20 15.36 -12.82
N GLU A 101 16.92 14.30 -12.46
CA GLU A 101 16.28 13.00 -12.36
C GLU A 101 15.24 12.94 -11.25
N GLU A 102 15.52 13.52 -10.09
CA GLU A 102 14.60 13.36 -8.97
C GLU A 102 13.23 13.99 -9.28
N VAL A 103 13.26 15.22 -9.78
CA VAL A 103 12.07 16.00 -10.12
C VAL A 103 11.23 15.23 -11.12
N GLU A 104 11.88 14.42 -11.92
CA GLU A 104 11.14 13.51 -12.79
C GLU A 104 10.52 12.38 -12.00
N ARG A 105 11.35 11.61 -11.29
CA ARG A 105 10.86 10.44 -10.57
C ARG A 105 9.85 10.79 -9.49
N TYR A 106 9.95 11.97 -8.90
CA TYR A 106 9.07 12.33 -7.80
C TYR A 106 7.87 13.13 -8.28
N ASN A 107 7.74 13.27 -9.59
CA ASN A 107 6.79 14.22 -10.15
C ASN A 107 5.35 14.11 -9.63
N ARG A 108 4.77 12.93 -9.73
N ARG A 108 4.77 12.94 -9.75
CA ARG A 108 3.36 12.80 -9.44
CA ARG A 108 3.35 12.79 -9.46
C ARG A 108 3.07 13.03 -7.97
C ARG A 108 3.02 12.85 -7.97
N GLN A 109 4.02 12.69 -7.11
CA GLN A 109 3.79 12.92 -5.69
C GLN A 109 4.04 14.39 -5.40
N ILE A 110 4.94 14.99 -6.16
CA ILE A 110 5.09 16.43 -6.12
C ILE A 110 3.78 17.12 -6.46
N LEU A 111 3.03 16.59 -7.42
CA LEU A 111 1.69 17.12 -7.76
C LEU A 111 0.75 17.02 -6.61
N GLN A 112 0.81 15.90 -5.89
CA GLN A 112 -0.04 15.72 -4.73
C GLN A 112 0.23 16.74 -3.64
N PHE A 113 1.49 17.11 -3.43
CA PHE A 113 1.82 18.16 -2.45
C PHE A 113 1.25 19.49 -2.94
N SER A 114 1.44 19.76 -4.23
CA SER A 114 1.03 21.04 -4.79
C SER A 114 -0.47 21.23 -4.70
N LEU A 115 -1.18 20.12 -4.58
CA LEU A 115 -2.62 20.12 -4.51
C LEU A 115 -3.19 20.58 -3.18
N ILE A 116 -2.60 20.13 -2.07
CA ILE A 116 -3.13 20.52 -0.78
C ILE A 116 -2.35 21.67 -0.21
N ASP A 117 -1.06 21.70 -0.47
CA ASP A 117 -0.24 22.85 -0.13
C ASP A 117 -0.56 23.53 1.20
N ALA A 118 -0.52 22.79 2.31
CA ALA A 118 -0.86 23.37 3.62
C ALA A 118 0.18 24.38 4.15
N ASP A 119 1.47 24.17 3.85
CA ASP A 119 2.49 25.05 4.43
C ASP A 119 2.77 26.19 3.49
N ASN A 120 1.99 26.27 2.42
CA ASN A 120 2.11 27.38 1.50
C ASN A 120 3.52 27.49 0.98
N GLN A 121 3.93 26.48 0.23
CA GLN A 121 5.26 26.42 -0.34
C GLN A 121 5.24 26.04 -1.77
N HIS A 122 6.32 26.30 -2.46
CA HIS A 122 6.46 25.81 -3.81
C HIS A 122 6.55 24.32 -3.68
N PRO A 123 5.96 23.58 -4.62
CA PRO A 123 5.89 22.12 -4.56
C PRO A 123 7.23 21.45 -4.41
N PHE A 124 8.26 22.04 -5.01
CA PHE A 124 9.58 21.46 -4.91
C PHE A 124 10.05 21.51 -3.46
N VAL A 125 9.67 22.56 -2.74
CA VAL A 125 10.13 22.72 -1.38
C VAL A 125 9.75 21.52 -0.54
N TYR A 126 8.56 20.99 -0.74
CA TYR A 126 8.13 19.85 0.06
C TYR A 126 9.05 18.65 -0.13
N GLN A 127 9.38 18.35 -1.38
CA GLN A 127 10.25 17.23 -1.73
C GLN A 127 11.65 17.46 -1.18
N GLU A 128 12.08 18.71 -1.16
CA GLU A 128 13.36 19.09 -0.60
C GLU A 128 13.40 18.70 0.88
N ARG A 129 12.28 18.93 1.56
CA ARG A 129 12.14 18.61 2.96
C ARG A 129 12.24 17.09 3.20
N LEU A 130 11.99 16.33 2.15
CA LEU A 130 12.14 14.88 2.24
C LEU A 130 13.59 14.51 2.00
N LYS A 131 14.24 15.15 1.03
CA LYS A 131 15.60 14.76 0.73
C LYS A 131 16.52 15.12 1.89
N GLN A 132 16.12 16.13 2.65
CA GLN A 132 16.94 16.57 3.74
C GLN A 132 16.73 15.72 5.00
N SER A 133 15.73 14.83 4.96
CA SER A 133 15.40 14.00 6.10
C SER A 133 16.24 12.75 6.22
N LYS A 134 16.36 12.27 7.46
CA LYS A 134 17.06 11.02 7.79
C LYS A 134 16.20 10.19 8.72
N VAL A 135 15.79 9.02 8.25
CA VAL A 135 14.90 8.19 9.03
C VAL A 135 15.65 6.95 9.44
N ALA A 136 15.55 6.62 10.73
CA ALA A 136 16.21 5.43 11.27
C ALA A 136 15.15 4.42 11.59
N ILE A 137 15.37 3.21 11.12
CA ILE A 137 14.39 2.14 11.27
C ILE A 137 15.01 1.00 12.06
N PHE A 138 14.36 0.66 13.16
CA PHE A 138 14.89 -0.35 14.05
C PHE A 138 14.26 -1.69 13.76
N GLY A 139 14.93 -2.49 12.96
CA GLY A 139 14.47 -3.84 12.69
C GLY A 139 13.95 -4.00 11.27
N GLY A 141 12.36 -6.67 9.88
CA GLY A 141 11.34 -7.68 9.72
C GLY A 141 10.27 -7.20 8.76
N GLY A 142 9.11 -7.83 8.83
CA GLY A 142 7.97 -7.46 8.01
C GLY A 142 7.65 -5.97 8.01
N TRP A 143 7.20 -5.42 9.13
CA TRP A 143 6.83 -4.01 9.16
C TRP A 143 8.02 -3.17 8.69
N GLY A 144 9.21 -3.65 9.03
CA GLY A 144 10.45 -2.94 8.77
C GLY A 144 10.83 -2.76 7.32
N THR A 145 10.70 -3.84 6.54
CA THR A 145 11.06 -3.83 5.13
C THR A 145 10.14 -2.98 4.26
N TRP A 146 8.86 -2.94 4.59
CA TRP A 146 7.92 -2.18 3.79
C TRP A 146 8.07 -0.69 4.02
N CYS A 147 8.37 -0.31 5.25
CA CYS A 147 8.58 1.10 5.55
C CYS A 147 9.82 1.66 4.85
N ALA A 148 10.92 0.90 4.87
CA ALA A 148 12.12 1.33 4.19
C ALA A 148 11.83 1.56 2.73
N LEU A 149 11.14 0.59 2.13
CA LEU A 149 10.86 0.61 0.71
C LEU A 149 10.13 1.87 0.29
N GLN A 150 8.93 2.06 0.84
CA GLN A 150 8.06 3.17 0.42
C GLN A 150 8.68 4.51 0.71
N LEU A 151 9.46 4.57 1.79
CA LEU A 151 10.22 5.75 2.12
C LEU A 151 11.32 6.00 1.07
N ALA A 152 11.99 4.95 0.65
CA ALA A 152 13.02 5.12 -0.37
C ALA A 152 12.39 5.60 -1.68
N SER A 154 9.75 7.26 -2.03
CA SER A 154 9.17 8.57 -1.87
C SER A 154 10.22 9.66 -1.87
N GLY A 155 11.49 9.26 -1.96
CA GLY A 155 12.56 10.22 -2.02
C GLY A 155 13.09 10.65 -0.67
N ILE A 156 12.93 9.82 0.36
CA ILE A 156 13.56 10.08 1.67
C ILE A 156 15.04 10.32 1.47
N GLY A 157 15.60 11.25 2.23
CA GLY A 157 17.00 11.56 2.04
C GLY A 157 17.98 10.44 2.37
N THR A 158 17.91 9.94 3.60
CA THR A 158 18.83 8.91 4.09
C THR A 158 18.08 7.88 4.92
N LEU A 159 18.47 6.62 4.77
CA LEU A 159 17.90 5.55 5.57
C LEU A 159 18.95 4.93 6.44
N ARG A 160 18.69 4.87 7.76
CA ARG A 160 19.54 4.13 8.69
C ARG A 160 18.88 2.83 9.04
N LEU A 161 19.43 1.71 8.60
CA LEU A 161 18.83 0.41 8.88
C LEU A 161 19.63 -0.28 9.97
N ILE A 162 18.93 -0.80 10.98
CA ILE A 162 19.54 -1.45 12.13
C ILE A 162 19.04 -2.88 12.26
N ASP A 163 19.89 -3.87 12.06
CA ASP A 163 19.44 -5.24 12.17
C ASP A 163 20.57 -6.28 12.13
N GLY A 164 20.45 -7.29 12.99
CA GLY A 164 21.47 -8.32 13.08
C GLY A 164 21.14 -9.65 12.44
N ASP A 165 20.01 -9.72 11.73
CA ASP A 165 19.59 -10.98 11.12
C ASP A 165 20.09 -11.21 9.71
N ASP A 166 19.84 -12.42 9.24
CA ASP A 166 20.16 -12.77 7.88
C ASP A 166 18.90 -13.35 7.23
N VAL A 167 18.83 -13.29 5.91
CA VAL A 167 17.61 -13.63 5.19
C VAL A 167 17.35 -15.14 5.20
N GLU A 168 16.13 -15.53 5.55
CA GLU A 168 15.73 -16.93 5.51
C GLU A 168 14.77 -17.14 4.37
N LEU A 169 14.59 -18.38 3.93
CA LEU A 169 13.63 -18.60 2.86
C LEU A 169 12.20 -18.22 3.32
N SER A 170 11.90 -18.32 4.61
CA SER A 170 10.55 -17.99 5.06
C SER A 170 10.31 -16.47 5.15
N ASN A 171 11.36 -15.68 5.07
CA ASN A 171 11.21 -14.23 5.10
C ASN A 171 10.68 -13.68 3.77
N ILE A 172 10.89 -14.45 2.71
CA ILE A 172 10.54 -14.03 1.37
C ILE A 172 9.05 -13.80 1.14
N ASN A 173 8.17 -14.49 1.86
CA ASN A 173 6.74 -14.24 1.64
C ASN A 173 6.25 -12.86 2.11
N ARG A 174 6.92 -12.23 3.07
CA ARG A 174 6.40 -10.99 3.64
C ARG A 174 7.39 -9.82 3.72
N GLN A 175 8.68 -10.13 3.82
CA GLN A 175 9.69 -9.08 3.92
C GLN A 175 10.16 -8.71 2.52
N VAL A 176 9.65 -7.59 2.00
CA VAL A 176 9.71 -7.22 0.55
C VAL A 176 11.05 -6.78 -0.03
N LEU A 177 11.99 -6.36 0.82
CA LEU A 177 13.30 -5.90 0.38
C LEU A 177 14.23 -7.06 0.06
N TYR A 178 13.76 -8.28 0.33
CA TYR A 178 14.57 -9.47 0.18
C TYR A 178 13.97 -10.38 -0.89
N ARG A 179 14.77 -10.70 -1.89
N ARG A 179 14.74 -10.67 -1.93
CA ARG A 179 14.35 -11.58 -2.97
CA ARG A 179 14.31 -11.59 -2.97
C ARG A 179 15.02 -12.93 -2.83
C ARG A 179 14.89 -12.97 -2.72
N THR A 180 14.58 -13.93 -3.59
CA THR A 180 15.09 -15.29 -3.44
C THR A 180 16.62 -15.39 -3.46
N ASP A 181 17.27 -14.64 -4.33
CA ASP A 181 18.72 -14.66 -4.38
C ASP A 181 19.36 -14.06 -3.13
N ASP A 182 18.56 -13.44 -2.27
CA ASP A 182 19.10 -12.76 -1.11
C ASP A 182 19.22 -13.65 0.12
N VAL A 183 18.70 -14.88 0.03
CA VAL A 183 18.76 -15.83 1.14
C VAL A 183 20.19 -16.13 1.61
N GLY A 184 20.39 -16.08 2.92
CA GLY A 184 21.70 -16.33 3.51
C GLY A 184 22.47 -15.05 3.76
N LYS A 185 22.09 -13.99 3.07
CA LYS A 185 22.74 -12.69 3.20
C LYS A 185 22.32 -12.00 4.49
N ASN A 186 23.09 -10.97 4.88
CA ASN A 186 22.69 -10.12 6.00
C ASN A 186 21.54 -9.24 5.57
N LYS A 187 20.48 -9.19 6.37
CA LYS A 187 19.29 -8.38 6.01
C LYS A 187 19.63 -6.92 5.66
N VAL A 188 20.50 -6.27 6.46
CA VAL A 188 20.78 -4.85 6.21
C VAL A 188 21.53 -4.68 4.90
N ASP A 189 22.36 -5.66 4.54
CA ASP A 189 23.10 -5.57 3.28
C ASP A 189 22.24 -5.96 2.09
N ALA A 190 21.40 -6.96 2.26
CA ALA A 190 20.49 -7.29 1.20
C ALA A 190 19.60 -6.08 0.99
N ALA A 191 19.17 -5.49 2.11
CA ALA A 191 18.28 -4.33 2.11
C ALA A 191 18.86 -3.17 1.32
N LYS A 192 20.11 -2.84 1.59
CA LYS A 192 20.77 -1.75 0.92
C LYS A 192 20.84 -1.98 -0.60
N ASP A 193 21.21 -3.20 -1.03
CA ASP A 193 21.26 -3.53 -2.47
C ASP A 193 19.93 -3.26 -3.15
N THR A 194 18.86 -3.68 -2.51
CA THR A 194 17.51 -3.55 -3.06
C THR A 194 17.08 -2.09 -3.11
N ILE A 195 17.29 -1.37 -2.02
CA ILE A 195 16.86 0.01 -1.95
C ILE A 195 17.52 0.81 -3.05
N LEU A 196 18.78 0.49 -3.31
CA LEU A 196 19.53 1.27 -4.28
C LEU A 196 19.13 0.91 -5.72
N ALA A 197 18.56 -0.28 -5.93
CA ALA A 197 18.03 -0.63 -7.26
C ALA A 197 16.77 0.18 -7.56
N TYR A 198 15.99 0.42 -6.53
CA TYR A 198 14.77 1.19 -6.64
C TYR A 198 15.04 2.70 -6.76
N ASN A 199 15.84 3.24 -5.85
CA ASN A 199 16.12 4.66 -5.82
C ASN A 199 17.57 4.91 -5.45
N GLU A 200 18.35 5.26 -6.44
CA GLU A 200 19.79 5.42 -6.34
C GLU A 200 20.15 6.72 -5.63
N ASN A 201 19.15 7.55 -5.35
CA ASN A 201 19.39 8.83 -4.70
C ASN A 201 19.33 8.79 -3.18
N VAL A 202 18.86 7.66 -2.66
CA VAL A 202 18.80 7.46 -1.23
C VAL A 202 20.12 6.94 -0.66
N HIS A 203 20.64 7.57 0.39
CA HIS A 203 21.85 7.09 1.06
C HIS A 203 21.47 6.07 2.11
N VAL A 204 22.10 4.92 2.11
CA VAL A 204 21.77 3.92 3.12
C VAL A 204 22.95 3.60 4.05
N GLU A 205 22.72 3.83 5.33
CA GLU A 205 23.68 3.54 6.39
C GLU A 205 23.20 2.31 7.12
N THR A 206 24.05 1.29 7.17
CA THR A 206 23.63 -0.01 7.66
C THR A 206 24.40 -0.41 8.91
N PHE A 207 23.68 -0.96 9.88
CA PHE A 207 24.32 -1.44 11.07
C PHE A 207 23.96 -2.90 11.33
N PHE A 208 24.91 -3.79 11.07
CA PHE A 208 24.64 -5.19 11.25
C PHE A 208 24.75 -5.52 12.72
N GLU A 209 23.69 -5.22 13.46
CA GLU A 209 23.63 -5.51 14.89
C GLU A 209 22.20 -5.33 15.39
N PHE A 210 21.86 -5.94 16.52
CA PHE A 210 20.56 -5.65 17.13
C PHE A 210 20.68 -4.48 18.10
N ALA A 211 19.54 -3.89 18.46
CA ALA A 211 19.55 -2.79 19.42
C ALA A 211 19.68 -3.32 20.85
N SER A 212 20.82 -3.06 21.47
CA SER A 212 21.01 -3.40 22.88
C SER A 212 20.45 -2.29 23.74
N PRO A 213 20.01 -2.62 24.95
CA PRO A 213 19.54 -1.55 25.84
C PRO A 213 20.69 -0.76 26.47
N ASP A 214 21.69 -0.39 25.67
CA ASP A 214 22.78 0.50 26.09
C ASP A 214 22.57 1.88 25.47
N ARG A 215 22.36 2.90 26.27
CA ARG A 215 22.08 4.22 25.68
C ARG A 215 23.30 4.77 24.96
N ALA A 216 24.48 4.27 25.32
CA ALA A 216 25.68 4.79 24.72
C ALA A 216 25.75 4.40 23.24
N ARG A 217 25.29 3.19 22.91
CA ARG A 217 25.30 2.72 21.53
C ARG A 217 24.09 3.27 20.77
N LEU A 218 22.93 3.26 21.44
CA LEU A 218 21.69 3.72 20.83
C LEU A 218 21.77 5.15 20.35
N GLU A 219 22.45 6.03 21.08
CA GLU A 219 22.59 7.41 20.65
C GLU A 219 23.52 7.44 19.43
N GLU A 220 24.42 6.45 19.35
CA GLU A 220 25.29 6.34 18.18
C GLU A 220 24.48 5.81 16.99
N LEU A 221 23.64 4.80 17.21
CA LEU A 221 22.83 4.25 16.14
C LEU A 221 21.81 5.27 15.64
N VAL A 222 21.17 5.98 16.54
CA VAL A 222 20.25 7.04 16.15
C VAL A 222 20.99 8.14 15.39
N GLY A 223 22.13 8.59 15.90
CA GLY A 223 22.94 9.58 15.22
C GLY A 223 22.16 10.84 14.92
N ASP A 224 22.32 11.37 13.71
CA ASP A 224 21.65 12.63 13.36
C ASP A 224 20.36 12.40 12.60
N SER A 225 19.65 11.31 12.95
CA SER A 225 18.34 11.06 12.40
C SER A 225 17.42 12.24 12.67
N THR A 226 16.46 12.40 11.77
CA THR A 226 15.48 13.45 11.85
C THR A 226 14.09 12.88 12.15
N PHE A 227 13.95 11.57 12.05
CA PHE A 227 12.70 10.86 12.30
C PHE A 227 13.00 9.42 12.70
N ILE A 228 12.17 8.81 13.55
CA ILE A 228 12.39 7.42 13.96
C ILE A 228 11.13 6.57 13.82
N ILE A 229 11.32 5.36 13.29
CA ILE A 229 10.26 4.37 13.17
C ILE A 229 10.68 3.16 13.97
N LEU A 230 9.82 2.69 14.88
CA LEU A 230 10.10 1.50 15.67
C LEU A 230 8.80 0.82 16.01
N ALA A 231 8.88 -0.37 16.58
CA ALA A 231 7.69 -1.19 16.80
C ALA A 231 7.02 -0.90 18.12
N TRP A 232 5.78 -1.39 18.23
CA TRP A 232 4.93 -1.26 19.40
C TRP A 232 5.51 -1.98 20.64
N THR A 242 13.91 -2.46 28.14
CA THR A 242 13.91 -2.56 26.68
C THR A 242 14.60 -1.38 26.00
N ALA A 243 15.20 -1.65 24.85
CA ALA A 243 15.82 -0.62 24.01
C ALA A 243 14.84 0.46 23.59
N GLU A 244 13.59 0.05 23.31
CA GLU A 244 12.58 0.98 22.84
C GLU A 244 12.46 2.21 23.73
N GLU A 245 12.50 2.03 25.04
CA GLU A 245 12.30 3.16 25.91
C GLU A 245 13.49 4.12 25.92
N ILE A 246 14.70 3.60 25.71
CA ILE A 246 15.86 4.47 25.64
C ILE A 246 15.86 5.26 24.33
N ILE A 247 15.47 4.59 23.24
CA ILE A 247 15.37 5.27 21.95
C ILE A 247 14.39 6.44 22.09
N HIS A 248 13.21 6.17 22.63
CA HIS A 248 12.25 7.21 22.99
C HIS A 248 12.86 8.35 23.84
N SER A 249 13.65 8.03 24.85
CA SER A 249 14.30 9.06 25.64
C SER A 249 15.28 9.86 24.77
N ILE A 250 16.06 9.13 23.98
CA ILE A 250 16.99 9.79 23.08
C ILE A 250 16.22 10.76 22.17
N ALA A 251 15.06 10.30 21.72
CA ALA A 251 14.21 11.08 20.82
C ALA A 251 13.67 12.32 21.50
N LYS A 252 13.10 12.18 22.69
CA LYS A 252 12.63 13.35 23.44
C LYS A 252 13.77 14.38 23.66
N ASP A 253 14.96 13.87 23.99
CA ASP A 253 16.11 14.72 24.25
C ASP A 253 16.65 15.44 23.02
N LYS A 254 16.51 14.84 21.84
CA LYS A 254 17.03 15.45 20.62
C LYS A 254 15.96 16.08 19.71
N ALA A 255 14.71 16.12 20.17
CA ALA A 255 13.57 16.60 19.35
C ALA A 255 13.44 15.83 18.05
N ILE A 256 13.24 14.52 18.15
CA ILE A 256 13.10 13.68 16.98
C ILE A 256 11.74 13.00 16.97
N PRO A 257 10.98 13.16 15.88
CA PRO A 257 9.72 12.44 15.78
C PRO A 257 9.89 10.92 15.79
N VAL A 258 9.01 10.26 16.52
CA VAL A 258 8.99 8.82 16.61
C VAL A 258 7.57 8.34 16.30
N ILE A 259 7.44 7.35 15.42
CA ILE A 259 6.13 6.78 15.16
C ILE A 259 6.13 5.32 15.56
N GLU A 260 5.08 4.90 16.25
CA GLU A 260 4.95 3.52 16.69
C GLU A 260 4.02 2.80 15.76
N LEU A 261 3.93 1.49 15.92
CA LEU A 261 3.06 0.72 15.07
C LEU A 261 3.08 -0.71 15.54
N GLY A 262 2.11 -1.48 15.09
CA GLY A 262 2.09 -2.87 15.45
C GLY A 262 0.73 -3.49 15.30
N GLY A 263 0.71 -4.81 15.15
CA GLY A 263 -0.52 -5.54 14.98
C GLY A 263 -0.22 -6.88 14.32
N ASP A 264 -1.24 -7.50 13.80
CA ASP A 264 -1.11 -8.78 13.14
C ASP A 264 -2.06 -8.91 11.96
N PRO A 265 -1.94 -9.99 11.22
CA PRO A 265 -2.89 -10.30 10.15
C PRO A 265 -4.36 -10.09 10.54
N LEU A 266 -4.69 -9.97 11.83
CA LEU A 266 -6.09 -9.79 12.26
C LEU A 266 -6.51 -8.32 12.52
N GLU A 267 -5.68 -7.54 13.21
CA GLU A 267 -5.93 -6.11 13.37
C GLU A 267 -4.61 -5.35 13.43
N ILE A 268 -4.61 -4.14 12.88
CA ILE A 268 -3.39 -3.37 12.76
C ILE A 268 -3.57 -2.11 13.56
N SER A 269 -2.46 -1.56 14.04
CA SER A 269 -2.52 -0.26 14.72
C SER A 269 -1.33 0.55 14.20
N VAL A 270 -1.50 1.86 14.05
CA VAL A 270 -0.40 2.71 13.64
C VAL A 270 -0.33 4.05 14.37
N GLY A 271 0.83 4.32 14.98
CA GLY A 271 0.99 5.51 15.79
C GLY A 271 0.82 5.13 17.23
N PRO A 272 0.86 6.12 18.12
CA PRO A 272 0.89 7.56 17.78
C PRO A 272 2.22 8.07 17.26
N ILE A 273 2.19 9.25 16.64
CA ILE A 273 3.40 9.98 16.32
C ILE A 273 3.72 10.90 17.48
N TYR A 274 4.99 10.93 17.90
CA TYR A 274 5.45 11.86 18.92
C TYR A 274 6.31 12.94 18.29
N LEU A 275 5.84 14.18 18.32
CA LEU A 275 6.59 15.23 17.66
C LEU A 275 7.86 15.58 18.40
N ASN A 276 7.81 15.45 19.73
CA ASN A 276 8.95 15.75 20.59
C ASN A 276 9.45 17.17 20.35
N ASP A 277 8.50 18.09 20.24
CA ASP A 277 8.82 19.50 20.06
C ASP A 277 8.70 20.31 21.37
N GLY A 278 8.27 19.65 22.45
CA GLY A 278 8.04 20.34 23.70
C GLY A 278 6.70 21.02 23.89
N VAL A 279 5.82 20.88 22.90
CA VAL A 279 4.46 21.46 22.97
C VAL A 279 3.41 20.37 22.81
N HIS A 280 3.79 19.16 23.18
CA HIS A 280 2.87 18.02 23.17
C HIS A 280 3.32 17.07 24.24
N SER A 281 2.41 16.25 24.74
CA SER A 281 2.78 15.38 25.83
C SER A 281 3.75 14.32 25.28
N GLY A 282 4.75 13.98 26.10
CA GLY A 282 5.80 13.07 25.69
C GLY A 282 5.47 11.63 26.03
N PHE A 283 6.36 10.71 25.65
CA PHE A 283 6.15 9.29 25.90
C PHE A 283 6.03 9.02 27.41
N ASP A 284 6.87 9.71 28.19
CA ASP A 284 6.82 9.63 29.65
C ASP A 284 5.47 9.93 30.21
N GLU A 285 4.94 11.09 29.82
CA GLU A 285 3.63 11.54 30.29
C GLU A 285 2.51 10.49 30.14
N VAL A 286 2.57 9.65 29.12
CA VAL A 286 1.50 8.67 28.95
C VAL A 286 1.72 7.41 29.79
N HIS A 311 7.00 -14.27 30.34
CA HIS A 311 8.06 -14.98 31.08
C HIS A 311 8.63 -16.19 30.34
N SER A 312 8.86 -17.26 31.09
CA SER A 312 9.36 -18.50 30.50
C SER A 312 8.19 -19.26 29.86
N PHE A 313 8.50 -20.11 28.89
CA PHE A 313 7.48 -20.83 28.13
C PHE A 313 7.64 -22.33 28.25
N ILE A 314 6.52 -23.02 28.35
CA ILE A 314 6.51 -24.47 28.48
C ILE A 314 6.54 -25.00 27.06
N ASP A 315 7.53 -24.51 26.32
CA ASP A 315 7.59 -24.65 24.87
C ASP A 315 7.85 -26.08 24.40
N GLY A 316 8.76 -26.76 25.07
CA GLY A 316 9.11 -28.11 24.69
C GLY A 316 10.00 -28.06 23.45
N ASP A 317 9.80 -29.01 22.54
CA ASP A 317 10.67 -29.09 21.36
C ASP A 317 10.09 -28.50 20.08
N ARG A 318 8.85 -27.98 20.14
CA ARG A 318 8.24 -27.31 18.97
C ARG A 318 8.75 -25.89 18.82
N LYS A 319 9.07 -25.49 17.60
CA LYS A 319 9.58 -24.14 17.35
C LYS A 319 8.41 -23.19 17.08
N VAL A 320 8.27 -22.16 17.92
CA VAL A 320 7.12 -21.25 17.80
C VAL A 320 7.50 -20.06 16.96
N ASN A 321 6.72 -19.84 15.91
CA ASN A 321 7.05 -18.86 14.90
C ASN A 321 6.08 -17.68 14.85
N ALA A 322 6.48 -16.62 14.15
CA ALA A 322 5.58 -15.49 13.93
C ALA A 322 4.69 -15.80 12.71
N TRP A 323 3.36 -15.70 12.89
CA TRP A 323 2.40 -15.95 11.80
C TRP A 323 2.05 -14.67 10.99
N GLN A 324 2.53 -14.56 9.76
CA GLN A 324 2.41 -13.33 9.01
C GLN A 324 2.28 -13.56 7.51
N SER A 325 1.67 -12.59 6.82
CA SER A 325 1.61 -12.54 5.37
C SER A 325 1.74 -11.09 4.93
N ALA A 326 2.01 -10.87 3.66
CA ALA A 326 2.36 -9.51 3.20
C ALA A 326 1.28 -8.42 3.36
N PRO A 327 0.01 -8.74 3.04
CA PRO A 327 -1.09 -7.75 3.01
C PRO A 327 -1.20 -6.86 4.24
N SER A 328 -1.01 -7.42 5.41
CA SER A 328 -1.12 -6.67 6.64
C SER A 328 0.00 -5.66 6.76
N LEU A 329 1.17 -6.01 6.25
CA LEU A 329 2.34 -5.14 6.34
C LEU A 329 2.24 -3.94 5.41
N SER A 330 1.71 -4.15 4.20
CA SER A 330 1.65 -3.05 3.24
C SER A 330 0.70 -1.96 3.73
N ILE A 331 -0.42 -2.39 4.30
CA ILE A 331 -1.36 -1.43 4.84
C ILE A 331 -0.67 -0.61 5.92
N ALA A 333 2.60 -0.12 6.55
CA ALA A 333 3.68 0.74 6.10
C ALA A 333 3.18 1.95 5.30
N GLY A 334 2.07 1.77 4.59
CA GLY A 334 1.47 2.84 3.80
C GLY A 334 0.82 3.90 4.65
N ILE A 335 0.12 3.48 5.70
CA ILE A 335 -0.40 4.42 6.68
C ILE A 335 0.75 5.17 7.35
N VAL A 336 1.80 4.44 7.73
CA VAL A 336 2.98 5.02 8.36
C VAL A 336 3.69 5.98 7.44
N THR A 337 3.92 5.55 6.21
CA THR A 337 4.70 6.35 5.29
C THR A 337 3.97 7.65 4.96
N ASP A 338 2.68 7.55 4.66
CA ASP A 338 1.87 8.73 4.42
C ASP A 338 1.92 9.69 5.61
N GLN A 339 1.76 9.17 6.83
CA GLN A 339 1.80 10.00 8.04
C GLN A 339 3.19 10.58 8.29
N VAL A 340 4.24 9.81 8.01
CA VAL A 340 5.60 10.33 8.16
C VAL A 340 5.88 11.40 7.12
N VAL A 341 5.43 11.19 5.88
CA VAL A 341 5.66 12.16 4.84
C VAL A 341 4.92 13.47 5.10
N LYS A 342 3.66 13.38 5.49
CA LYS A 342 2.89 14.56 5.88
C LYS A 342 3.53 15.33 7.05
N THR A 343 4.08 14.61 8.02
CA THR A 343 4.74 15.26 9.16
C THR A 343 6.02 15.95 8.77
N ILE A 344 6.93 15.24 8.11
CA ILE A 344 8.20 15.82 7.67
C ILE A 344 7.99 17.03 6.77
N THR A 345 7.12 16.90 5.75
CA THR A 345 7.02 17.93 4.73
C THR A 345 6.01 18.98 5.09
N GLY A 346 4.91 18.57 5.71
CA GLY A 346 3.88 19.51 6.09
C GLY A 346 2.96 19.97 4.97
N TYR A 347 2.88 19.20 3.90
CA TYR A 347 2.01 19.55 2.77
C TYR A 347 0.56 19.34 3.16
N ASP A 348 0.33 18.58 4.22
CA ASP A 348 -1.01 18.25 4.72
C ASP A 348 -0.88 17.82 6.16
N LYS A 349 -1.91 17.97 6.96
CA LYS A 349 -1.82 17.70 8.39
C LYS A 349 -1.96 16.20 8.73
N PRO A 350 -1.17 15.71 9.69
CA PRO A 350 -1.25 14.29 10.02
C PRO A 350 -2.20 14.02 11.16
N HIS A 351 -3.09 13.07 10.94
CA HIS A 351 -4.01 12.65 11.96
C HIS A 351 -3.31 12.07 13.20
N LEU A 352 -2.37 11.15 12.97
CA LEU A 352 -1.88 10.26 14.03
C LEU A 352 -1.07 10.91 15.17
N VAL A 353 -0.84 12.21 15.11
CA VAL A 353 -0.14 12.87 16.21
C VAL A 353 -0.97 12.68 17.48
N GLY A 354 -0.42 11.94 18.43
CA GLY A 354 -1.11 11.71 19.68
C GLY A 354 -2.27 10.74 19.59
N LYS A 355 -2.48 10.10 18.44
CA LYS A 355 -3.56 9.11 18.32
C LYS A 355 -3.13 7.72 17.79
N LYS A 356 -3.87 6.68 18.14
CA LYS A 356 -3.56 5.35 17.65
C LYS A 356 -4.75 4.78 16.90
N PHE A 357 -4.55 4.41 15.63
CA PHE A 357 -5.65 3.98 14.76
C PHE A 357 -5.64 2.47 14.66
N ILE A 358 -6.78 1.85 14.98
CA ILE A 358 -6.89 0.40 15.04
C ILE A 358 -7.92 -0.14 14.08
N LEU A 359 -7.50 -1.05 13.21
CA LEU A 359 -8.40 -1.54 12.18
C LEU A 359 -8.38 -3.05 12.09
N SER A 360 -9.54 -3.67 12.31
CA SER A 360 -9.71 -5.10 12.11
C SER A 360 -9.62 -5.40 10.63
N LEU A 361 -8.87 -6.42 10.26
CA LEU A 361 -8.82 -6.82 8.86
C LEU A 361 -9.84 -7.90 8.60
N GLN A 362 -10.66 -8.17 9.59
CA GLN A 362 -11.72 -9.13 9.41
C GLN A 362 -13.02 -8.47 9.02
N ASP A 363 -13.50 -7.54 9.83
CA ASP A 363 -14.78 -6.88 9.57
C ASP A 363 -14.63 -5.37 9.36
N PHE A 364 -13.38 -4.91 9.32
CA PHE A 364 -13.09 -3.53 8.96
C PHE A 364 -13.73 -2.47 9.83
N ARG A 365 -13.97 -2.82 11.09
CA ARG A 365 -14.31 -1.84 12.11
C ARG A 365 -13.01 -1.18 12.55
N SER A 366 -13.03 0.12 12.74
CA SER A 366 -11.82 0.80 13.13
C SER A 366 -12.18 1.57 14.38
N ARG A 367 -11.16 2.06 15.08
CA ARG A 367 -11.38 2.84 16.29
C ARG A 367 -10.15 3.69 16.57
N GLU A 368 -10.37 4.89 17.08
CA GLU A 368 -9.25 5.73 17.48
C GLU A 368 -9.04 5.58 18.97
N GLU A 369 -7.81 5.79 19.40
CA GLU A 369 -7.51 5.86 20.81
C GLU A 369 -6.61 7.05 20.98
N GLU A 370 -7.05 8.00 21.81
CA GLU A 370 -6.27 9.18 22.11
C GLU A 370 -5.19 8.73 23.05
N ILE A 371 -3.99 9.28 22.86
CA ILE A 371 -2.88 8.98 23.75
C ILE A 371 -2.44 10.31 24.39
N PHE A 372 -2.67 11.40 23.65
CA PHE A 372 -2.49 12.73 24.21
C PHE A 372 -3.02 13.82 23.28
N LYS A 373 -3.30 14.99 23.85
CA LYS A 373 -3.86 16.13 23.13
C LYS A 373 -2.81 17.17 22.75
N LEU A 374 -3.08 17.88 21.64
CA LEU A 374 -2.15 18.82 21.05
C LEU A 374 -2.19 20.19 21.73
N VAL B 6 -1.66 -40.44 15.64
CA VAL B 6 -2.02 -39.08 16.07
C VAL B 6 -0.91 -38.44 16.87
N LYS B 7 -0.39 -37.32 16.35
CA LYS B 7 0.72 -36.62 16.99
C LYS B 7 0.43 -35.16 17.24
N PRO B 8 0.07 -34.82 18.50
CA PRO B 8 -0.16 -33.44 18.96
C PRO B 8 0.91 -32.47 18.46
N LEU B 9 0.58 -31.71 17.42
CA LEU B 9 1.34 -30.51 17.11
C LEU B 9 0.57 -29.31 17.62
N ILE B 10 0.89 -28.89 18.84
CA ILE B 10 0.41 -27.60 19.31
C ILE B 10 0.91 -26.53 18.35
N LYS B 11 0.00 -26.17 17.44
CA LYS B 11 0.10 -25.08 16.45
C LYS B 11 1.21 -24.06 16.65
N GLU B 12 2.20 -24.12 15.77
CA GLU B 12 3.46 -23.41 15.96
C GLU B 12 3.29 -21.90 16.04
N SER B 13 2.05 -21.44 15.92
CA SER B 13 1.69 -20.05 16.15
C SER B 13 1.67 -19.65 17.63
N HIS B 14 1.25 -20.59 18.49
CA HIS B 14 1.00 -20.29 19.89
C HIS B 14 2.18 -20.59 20.80
N HIS B 15 2.44 -19.67 21.73
CA HIS B 15 3.42 -19.90 22.78
C HIS B 15 2.69 -20.57 23.92
N ILE B 16 3.40 -21.19 24.86
CA ILE B 16 2.74 -21.58 26.09
C ILE B 16 3.30 -20.83 27.30
N VAL B 56 3.09 -41.08 17.91
CA VAL B 56 1.93 -41.49 18.70
C VAL B 56 1.61 -40.46 19.76
N PRO B 57 0.30 -40.36 20.05
CA PRO B 57 -0.18 -39.76 21.29
C PRO B 57 0.11 -40.78 22.39
N ARG B 58 -0.02 -42.05 22.02
CA ARG B 58 0.40 -43.17 22.86
C ARG B 58 1.88 -43.05 23.26
N ILE B 59 2.66 -42.39 22.40
CA ILE B 59 4.10 -42.19 22.63
C ILE B 59 4.36 -41.27 23.83
N PHE B 60 3.61 -40.18 23.92
CA PHE B 60 3.80 -39.19 24.99
C PHE B 60 3.47 -39.78 26.37
N LYS B 61 2.43 -40.62 26.43
CA LYS B 61 2.07 -41.33 27.66
C LYS B 61 3.23 -42.19 28.21
N GLU B 62 3.60 -43.22 27.42
CA GLU B 62 4.71 -44.11 27.74
C GLU B 62 6.01 -43.34 28.01
N LEU B 63 6.39 -42.44 27.10
CA LEU B 63 7.54 -41.59 27.36
C LEU B 63 7.37 -40.78 28.66
N VAL B 64 6.12 -40.57 29.09
CA VAL B 64 5.83 -39.71 30.25
C VAL B 64 6.02 -40.42 31.57
N SER B 65 5.29 -41.51 31.77
CA SER B 65 5.45 -42.35 32.95
C SER B 65 6.92 -42.76 33.12
N GLU B 66 7.60 -43.05 32.01
CA GLU B 66 9.03 -43.40 32.02
C GLU B 66 9.88 -42.37 32.75
N GLU B 73 -4.18 -42.03 31.52
CA GLU B 73 -4.28 -42.24 30.07
C GLU B 73 -5.41 -41.40 29.51
N HIS B 74 -6.51 -41.35 30.26
CA HIS B 74 -7.65 -40.48 29.96
C HIS B 74 -7.30 -39.00 30.19
N LEU B 75 -6.36 -38.74 31.09
CA LEU B 75 -5.91 -37.38 31.41
C LEU B 75 -5.09 -36.73 30.27
N GLU B 76 -4.18 -37.50 29.66
CA GLU B 76 -3.44 -37.02 28.48
C GLU B 76 -4.40 -37.07 27.27
N GLY B 77 -5.25 -38.11 27.24
CA GLY B 77 -6.29 -38.24 26.25
C GLY B 77 -7.18 -37.02 26.30
N LEU B 78 -7.42 -36.55 27.52
CA LEU B 78 -8.19 -35.33 27.80
C LEU B 78 -7.57 -34.03 27.24
N VAL B 79 -6.27 -33.84 27.42
CA VAL B 79 -5.59 -32.67 26.86
C VAL B 79 -5.46 -32.76 25.33
N ALA B 80 -5.09 -33.94 24.81
CA ALA B 80 -5.07 -34.12 23.37
C ALA B 80 -6.45 -33.80 22.75
N GLY B 81 -7.52 -34.46 23.22
CA GLY B 81 -8.84 -34.27 22.63
C GLY B 81 -9.37 -32.84 22.68
N LEU B 82 -9.44 -32.30 23.89
CA LEU B 82 -9.87 -30.93 24.12
C LEU B 82 -9.07 -29.92 23.26
N ALA B 83 -8.00 -30.41 22.65
CA ALA B 83 -7.23 -29.65 21.65
C ALA B 83 -8.02 -29.59 20.33
N GLU B 84 -9.11 -30.36 20.27
CA GLU B 84 -10.03 -30.36 19.12
C GLU B 84 -10.74 -29.01 19.06
N ARG B 85 -10.54 -28.20 20.10
CA ARG B 85 -11.01 -26.81 20.10
C ARG B 85 -10.12 -25.99 19.17
N LYS B 86 -9.77 -26.61 18.04
CA LYS B 86 -9.00 -26.05 16.93
C LYS B 86 -7.68 -25.40 17.38
N LEU B 87 -6.94 -26.12 18.21
CA LEU B 87 -5.61 -25.69 18.67
C LEU B 87 -4.53 -26.71 18.30
N LEU B 88 -4.95 -27.83 17.70
CA LEU B 88 -4.01 -28.88 17.36
C LEU B 88 -3.89 -29.21 15.88
N GLN B 89 -2.66 -29.45 15.46
CA GLN B 89 -2.35 -29.85 14.10
C GLN B 89 -2.23 -31.37 14.02
N ASP B 90 -2.39 -31.92 12.82
CA ASP B 90 -2.05 -33.32 12.58
C ASP B 90 -1.00 -33.34 11.46
N ASN B 91 0.27 -33.11 11.83
CA ASN B 91 1.36 -32.95 10.85
C ASN B 91 1.52 -34.19 9.98
N SER B 92 0.77 -35.23 10.34
CA SER B 92 0.89 -36.53 9.72
C SER B 92 0.54 -36.48 8.24
N PHE B 93 0.04 -35.34 7.82
CA PHE B 93 -0.36 -35.11 6.44
C PHE B 93 0.70 -34.28 5.69
N PHE B 94 1.15 -34.77 4.54
CA PHE B 94 2.06 -34.02 3.69
C PHE B 94 1.37 -33.78 2.34
N SER B 95 1.70 -32.68 1.70
CA SER B 95 1.02 -32.32 0.45
C SER B 95 1.69 -32.96 -0.74
N LYS B 96 0.88 -33.40 -1.70
CA LYS B 96 1.37 -34.02 -2.90
C LYS B 96 1.53 -32.99 -4.02
N VAL B 97 1.28 -31.73 -3.71
CA VAL B 97 1.44 -30.66 -4.71
C VAL B 97 2.63 -29.74 -4.40
N LEU B 98 2.77 -29.30 -3.16
CA LEU B 98 3.78 -28.31 -2.80
C LEU B 98 5.13 -28.94 -2.54
N SER B 99 6.20 -28.17 -2.76
CA SER B 99 7.56 -28.64 -2.63
C SER B 99 8.14 -28.50 -1.23
N GLY B 100 9.39 -28.91 -1.09
CA GLY B 100 10.11 -28.69 0.15
C GLY B 100 10.35 -27.19 0.31
N GLU B 101 10.77 -26.56 -0.79
CA GLU B 101 11.05 -25.15 -0.74
C GLU B 101 9.78 -24.37 -0.39
N GLU B 102 8.70 -24.70 -1.09
CA GLU B 102 7.48 -23.93 -1.01
C GLU B 102 6.90 -23.93 0.39
N VAL B 103 6.79 -25.12 1.00
CA VAL B 103 6.26 -25.23 2.35
C VAL B 103 7.08 -24.41 3.32
N GLU B 104 8.37 -24.26 3.02
CA GLU B 104 9.24 -23.44 3.85
C GLU B 104 8.90 -21.96 3.58
N ARG B 105 8.92 -21.56 2.30
CA ARG B 105 8.64 -20.19 1.89
C ARG B 105 7.26 -19.70 2.29
N TYR B 106 6.28 -20.60 2.26
CA TYR B 106 4.89 -20.23 2.53
C TYR B 106 4.54 -20.47 3.96
N ASN B 107 5.55 -20.87 4.73
CA ASN B 107 5.32 -21.33 6.08
C ASN B 107 4.62 -20.35 7.01
N ARG B 108 5.09 -19.11 7.05
CA ARG B 108 4.61 -18.18 8.07
C ARG B 108 3.18 -17.74 7.82
N GLN B 109 2.73 -17.76 6.56
CA GLN B 109 1.33 -17.46 6.28
C GLN B 109 0.48 -18.72 6.46
N ILE B 110 1.04 -19.89 6.14
CA ILE B 110 0.34 -21.15 6.40
C ILE B 110 -0.03 -21.30 7.89
N LEU B 111 0.83 -20.84 8.80
CA LEU B 111 0.47 -20.84 10.22
C LEU B 111 -0.74 -19.95 10.44
N GLN B 112 -0.77 -18.84 9.72
CA GLN B 112 -1.88 -17.90 9.74
C GLN B 112 -3.21 -18.52 9.21
N PHE B 113 -3.15 -19.34 8.16
CA PHE B 113 -4.40 -19.96 7.71
C PHE B 113 -4.89 -20.87 8.81
N SER B 114 -3.95 -21.64 9.36
CA SER B 114 -4.23 -22.63 10.39
C SER B 114 -4.71 -22.01 11.70
N LEU B 115 -4.43 -20.72 11.87
CA LEU B 115 -4.85 -20.01 13.07
C LEU B 115 -6.36 -19.88 13.07
N ILE B 116 -6.93 -19.60 11.90
CA ILE B 116 -8.38 -19.47 11.82
C ILE B 116 -9.05 -20.74 11.30
N ASP B 117 -8.44 -21.39 10.32
CA ASP B 117 -8.92 -22.68 9.78
C ASP B 117 -10.45 -22.73 9.71
N ALA B 118 -11.05 -21.77 9.02
CA ALA B 118 -12.51 -21.68 8.95
C ALA B 118 -13.11 -22.85 8.23
N ASP B 119 -12.40 -23.38 7.23
CA ASP B 119 -12.94 -24.41 6.36
C ASP B 119 -12.60 -25.81 6.80
N ASN B 120 -11.91 -25.92 7.95
CA ASN B 120 -11.51 -27.21 8.55
C ASN B 120 -10.72 -28.13 7.63
N GLN B 121 -9.50 -27.69 7.30
CA GLN B 121 -8.63 -28.42 6.39
C GLN B 121 -7.26 -28.50 6.99
N HIS B 122 -6.40 -29.34 6.42
CA HIS B 122 -4.99 -29.29 6.74
C HIS B 122 -4.47 -27.97 6.19
N PRO B 123 -3.53 -27.34 6.90
CA PRO B 123 -3.03 -26.02 6.47
C PRO B 123 -2.47 -25.99 5.02
N PHE B 124 -1.89 -27.06 4.48
CA PHE B 124 -1.39 -26.94 3.09
C PHE B 124 -2.53 -26.86 2.05
N VAL B 125 -3.71 -27.36 2.38
CA VAL B 125 -4.80 -27.34 1.42
C VAL B 125 -5.09 -25.88 1.01
N TYR B 126 -4.96 -24.98 1.98
CA TYR B 126 -5.16 -23.55 1.73
C TYR B 126 -4.12 -23.02 0.77
N GLN B 127 -2.87 -23.39 1.00
CA GLN B 127 -1.80 -22.99 0.11
C GLN B 127 -2.03 -23.61 -1.24
N GLU B 128 -2.55 -24.83 -1.23
CA GLU B 128 -2.88 -25.50 -2.48
C GLU B 128 -3.90 -24.70 -3.28
N ARG B 129 -4.91 -24.13 -2.61
CA ARG B 129 -5.95 -23.38 -3.32
C ARG B 129 -5.41 -22.11 -3.96
N LEU B 130 -4.27 -21.64 -3.49
CA LEU B 130 -3.66 -20.47 -4.10
C LEU B 130 -2.86 -20.87 -5.34
N LYS B 131 -2.14 -21.98 -5.25
CA LYS B 131 -1.32 -22.40 -6.37
C LYS B 131 -2.21 -22.80 -7.52
N GLN B 132 -3.44 -23.20 -7.21
CA GLN B 132 -4.39 -23.63 -8.23
C GLN B 132 -5.13 -22.44 -8.85
N SER B 133 -4.96 -21.27 -8.24
CA SER B 133 -5.68 -20.09 -8.71
C SER B 133 -5.01 -19.45 -9.92
N LYS B 134 -5.80 -18.70 -10.69
CA LYS B 134 -5.27 -17.92 -11.80
C LYS B 134 -5.86 -16.54 -11.68
N VAL B 135 -5.03 -15.52 -11.49
CA VAL B 135 -5.56 -14.18 -11.30
C VAL B 135 -5.20 -13.27 -12.46
N ALA B 136 -6.20 -12.59 -13.01
CA ALA B 136 -6.00 -11.65 -14.12
C ALA B 136 -6.16 -10.20 -13.65
N ILE B 137 -5.18 -9.39 -14.02
CA ILE B 137 -5.09 -7.99 -13.60
C ILE B 137 -5.10 -7.07 -14.81
N PHE B 138 -6.12 -6.21 -14.94
CA PHE B 138 -6.27 -5.43 -16.17
C PHE B 138 -5.73 -4.02 -16.15
N GLY B 139 -4.79 -3.77 -15.25
CA GLY B 139 -4.06 -2.52 -15.24
C GLY B 139 -2.72 -2.85 -14.65
N GLY B 141 -0.03 -0.38 -13.96
CA GLY B 141 0.61 0.60 -13.11
C GLY B 141 -0.35 0.86 -11.96
N GLY B 142 -0.03 1.82 -11.09
CA GLY B 142 -0.86 2.13 -9.93
C GLY B 142 -1.08 0.90 -9.08
N TRP B 143 -2.34 0.69 -8.69
CA TRP B 143 -2.77 -0.43 -7.85
C TRP B 143 -2.36 -1.79 -8.40
N GLY B 144 -2.18 -1.85 -9.71
CA GLY B 144 -1.89 -3.09 -10.42
C GLY B 144 -0.62 -3.84 -10.08
N THR B 145 0.51 -3.14 -9.95
CA THR B 145 1.79 -3.80 -9.60
C THR B 145 1.86 -4.25 -8.14
N TRP B 146 1.17 -3.53 -7.26
CA TRP B 146 1.19 -3.88 -5.84
C TRP B 146 0.36 -5.14 -5.63
N CYS B 147 -0.72 -5.28 -6.38
CA CYS B 147 -1.52 -6.48 -6.26
C CYS B 147 -0.74 -7.65 -6.78
N ALA B 148 -0.12 -7.47 -7.94
CA ALA B 148 0.69 -8.50 -8.57
C ALA B 148 1.78 -8.95 -7.60
N LEU B 149 2.46 -7.98 -7.02
CA LEU B 149 3.54 -8.26 -6.11
C LEU B 149 3.10 -9.14 -4.97
N GLN B 150 2.15 -8.63 -4.20
CA GLN B 150 1.69 -9.34 -3.01
C GLN B 150 1.03 -10.66 -3.30
N LEU B 151 0.40 -10.79 -4.46
CA LEU B 151 -0.14 -12.07 -4.86
C LEU B 151 0.98 -13.07 -5.17
N ALA B 152 2.04 -12.65 -5.86
CA ALA B 152 3.14 -13.58 -6.18
C ALA B 152 3.85 -14.03 -4.91
N SER B 154 2.51 -14.38 -2.15
CA SER B 154 1.63 -15.26 -1.39
C SER B 154 1.46 -16.65 -1.96
N GLY B 155 2.11 -16.92 -3.10
CA GLY B 155 2.04 -18.24 -3.70
C GLY B 155 0.86 -18.46 -4.65
N ILE B 156 0.29 -17.37 -5.16
CA ILE B 156 -0.74 -17.45 -6.17
C ILE B 156 -0.22 -18.24 -7.35
N GLY B 157 -1.05 -19.11 -7.90
CA GLY B 157 -0.63 -20.02 -8.95
C GLY B 157 -0.19 -19.31 -10.22
N THR B 158 -1.05 -18.45 -10.73
CA THR B 158 -0.82 -17.80 -12.02
C THR B 158 -1.12 -16.32 -12.01
N LEU B 159 -0.28 -15.55 -12.69
CA LEU B 159 -0.61 -14.15 -12.88
C LEU B 159 -0.79 -13.87 -14.38
N ARG B 160 -1.97 -13.40 -14.72
CA ARG B 160 -2.26 -12.97 -16.06
C ARG B 160 -2.28 -11.44 -16.06
N LEU B 161 -1.26 -10.84 -16.65
CA LEU B 161 -1.10 -9.39 -16.63
C LEU B 161 -1.43 -8.77 -17.98
N ILE B 162 -2.25 -7.71 -17.97
CA ILE B 162 -2.65 -7.01 -19.20
C ILE B 162 -2.31 -5.51 -19.13
N ASP B 163 -1.45 -5.06 -20.05
CA ASP B 163 -1.08 -3.64 -20.09
C ASP B 163 -0.30 -3.28 -21.36
N GLY B 164 -0.63 -2.13 -21.96
CA GLY B 164 -0.04 -1.70 -23.23
C GLY B 164 1.01 -0.62 -23.07
N ASP B 165 1.31 -0.27 -21.82
CA ASP B 165 2.28 0.79 -21.48
C ASP B 165 3.74 0.33 -21.32
N ASP B 166 4.63 1.31 -21.19
CA ASP B 166 6.05 1.04 -21.00
C ASP B 166 6.54 1.80 -19.76
N VAL B 167 7.63 1.34 -19.15
CA VAL B 167 8.07 1.95 -17.88
C VAL B 167 8.69 3.32 -18.10
N GLU B 168 8.20 4.32 -17.38
CA GLU B 168 8.80 5.65 -17.38
C GLU B 168 9.45 5.99 -16.04
N LEU B 169 10.37 6.94 -16.05
CA LEU B 169 11.05 7.31 -14.83
C LEU B 169 10.05 7.82 -13.79
N SER B 170 8.96 8.44 -14.22
CA SER B 170 7.98 8.91 -13.25
C SER B 170 7.12 7.78 -12.67
N ASN B 171 7.21 6.58 -13.22
CA ASN B 171 6.47 5.44 -12.67
C ASN B 171 7.14 4.89 -11.43
N ILE B 172 8.45 5.13 -11.32
CA ILE B 172 9.23 4.51 -10.27
C ILE B 172 8.84 4.93 -8.84
N ASN B 173 8.30 6.13 -8.62
CA ASN B 173 7.99 6.48 -7.22
C ASN B 173 6.84 5.67 -6.59
N ARG B 174 5.96 5.07 -7.39
CA ARG B 174 4.81 4.41 -6.80
C ARG B 174 4.57 3.00 -7.32
N GLN B 175 5.06 2.72 -8.52
CA GLN B 175 4.83 1.42 -9.12
C GLN B 175 5.95 0.46 -8.72
N VAL B 176 5.61 -0.42 -7.81
CA VAL B 176 6.59 -1.18 -7.07
C VAL B 176 7.29 -2.28 -7.87
N LEU B 177 6.70 -2.73 -8.98
CA LEU B 177 7.35 -3.79 -9.73
C LEU B 177 8.43 -3.29 -10.69
N TYR B 178 8.60 -1.97 -10.80
CA TYR B 178 9.55 -1.41 -11.77
C TYR B 178 10.67 -0.66 -11.07
N ARG B 179 11.90 -1.00 -11.42
CA ARG B 179 13.07 -0.33 -10.89
C ARG B 179 13.73 0.58 -11.93
N THR B 180 14.62 1.46 -11.49
CA THR B 180 15.21 2.48 -12.35
C THR B 180 15.77 1.89 -13.63
N ASP B 181 16.40 0.74 -13.51
CA ASP B 181 16.92 0.07 -14.70
C ASP B 181 15.86 -0.58 -15.58
N ASP B 182 14.60 -0.62 -15.11
CA ASP B 182 13.55 -1.21 -15.93
C ASP B 182 12.93 -0.19 -16.85
N VAL B 183 13.34 1.07 -16.68
CA VAL B 183 12.81 2.13 -17.52
C VAL B 183 13.03 1.83 -18.99
N GLY B 184 12.00 2.04 -19.79
CA GLY B 184 12.12 1.82 -21.22
C GLY B 184 11.58 0.48 -21.62
N LYS B 185 11.46 -0.42 -20.66
CA LYS B 185 10.88 -1.72 -20.94
C LYS B 185 9.36 -1.58 -21.06
N ASN B 186 8.71 -2.56 -21.64
CA ASN B 186 7.27 -2.60 -21.56
C ASN B 186 6.92 -3.03 -20.14
N LYS B 187 5.94 -2.37 -19.54
CA LYS B 187 5.53 -2.66 -18.17
C LYS B 187 5.29 -4.16 -17.86
N VAL B 188 4.61 -4.90 -18.73
CA VAL B 188 4.31 -6.31 -18.43
C VAL B 188 5.54 -7.19 -18.47
N ASP B 189 6.56 -6.76 -19.22
CA ASP B 189 7.78 -7.53 -19.33
C ASP B 189 8.61 -7.36 -18.07
N ALA B 190 8.69 -6.12 -17.62
CA ALA B 190 9.35 -5.77 -16.39
C ALA B 190 8.60 -6.39 -15.21
N ALA B 191 7.28 -6.38 -15.27
CA ALA B 191 6.52 -6.96 -14.18
C ALA B 191 6.88 -8.43 -14.03
N LYS B 192 6.83 -9.20 -15.12
CA LYS B 192 7.14 -10.62 -15.04
C LYS B 192 8.59 -10.88 -14.58
N ASP B 193 9.53 -10.11 -15.13
CA ASP B 193 10.94 -10.23 -14.75
C ASP B 193 11.09 -10.06 -13.24
N THR B 194 10.43 -9.05 -12.72
CA THR B 194 10.49 -8.71 -11.32
C THR B 194 9.74 -9.73 -10.49
N ILE B 195 8.55 -10.11 -10.96
CA ILE B 195 7.73 -11.06 -10.22
C ILE B 195 8.46 -12.38 -9.94
N LEU B 196 9.21 -12.90 -10.91
CA LEU B 196 9.89 -14.19 -10.75
C LEU B 196 11.13 -14.11 -9.85
N ALA B 197 11.74 -12.93 -9.73
CA ALA B 197 12.88 -12.77 -8.81
C ALA B 197 12.40 -12.88 -7.37
N TYR B 198 11.17 -12.46 -7.11
CA TYR B 198 10.59 -12.57 -5.78
C TYR B 198 10.16 -13.99 -5.48
N ASN B 199 9.38 -14.57 -6.39
CA ASN B 199 8.85 -15.92 -6.22
C ASN B 199 8.87 -16.70 -7.53
N GLU B 200 9.81 -17.62 -7.64
CA GLU B 200 10.08 -18.33 -8.89
C GLU B 200 9.06 -19.45 -9.22
N ASN B 201 8.14 -19.70 -8.30
CA ASN B 201 7.09 -20.69 -8.51
C ASN B 201 5.83 -20.11 -9.13
N VAL B 202 5.76 -18.78 -9.23
CA VAL B 202 4.59 -18.15 -9.84
C VAL B 202 4.72 -18.12 -11.33
N HIS B 203 3.73 -18.66 -12.01
CA HIS B 203 3.75 -18.66 -13.46
C HIS B 203 3.11 -17.38 -13.93
N VAL B 204 3.76 -16.69 -14.86
CA VAL B 204 3.21 -15.41 -15.32
C VAL B 204 2.88 -15.36 -16.81
N GLU B 205 1.63 -15.02 -17.12
CA GLU B 205 1.21 -14.78 -18.50
C GLU B 205 0.99 -13.28 -18.68
N THR B 206 1.66 -12.73 -19.68
CA THR B 206 1.72 -11.29 -19.91
C THR B 206 1.14 -10.91 -21.27
N PHE B 207 0.25 -9.93 -21.30
CA PHE B 207 -0.35 -9.45 -22.55
C PHE B 207 -0.12 -7.98 -22.78
N PHE B 208 0.77 -7.68 -23.73
CA PHE B 208 1.14 -6.31 -24.03
C PHE B 208 0.12 -5.62 -24.91
N GLU B 209 -0.98 -5.15 -24.31
CA GLU B 209 -2.04 -4.47 -25.03
C GLU B 209 -2.95 -3.78 -24.04
N PHE B 210 -3.77 -2.85 -24.52
CA PHE B 210 -4.75 -2.22 -23.64
C PHE B 210 -6.04 -3.05 -23.72
N ALA B 211 -6.92 -2.92 -22.73
CA ALA B 211 -8.21 -3.60 -22.86
C ALA B 211 -9.17 -2.75 -23.74
N SER B 212 -9.39 -3.24 -24.96
CA SER B 212 -10.33 -2.67 -25.89
C SER B 212 -11.70 -3.28 -25.60
N PRO B 213 -12.79 -2.58 -25.98
CA PRO B 213 -14.18 -3.05 -25.86
C PRO B 213 -14.56 -4.07 -26.95
N ASP B 214 -13.68 -5.05 -27.17
CA ASP B 214 -13.91 -6.14 -28.09
C ASP B 214 -14.28 -7.40 -27.29
N ARG B 215 -15.50 -7.91 -27.48
CA ARG B 215 -15.93 -9.05 -26.67
C ARG B 215 -15.16 -10.31 -27.01
N ALA B 216 -14.67 -10.38 -28.25
CA ALA B 216 -13.93 -11.54 -28.75
C ALA B 216 -12.50 -11.59 -28.19
N ARG B 217 -11.91 -10.43 -27.96
CA ARG B 217 -10.54 -10.35 -27.46
C ARG B 217 -10.46 -10.56 -25.96
N LEU B 218 -11.39 -9.94 -25.23
CA LEU B 218 -11.48 -10.06 -23.77
C LEU B 218 -11.67 -11.49 -23.25
N GLU B 219 -12.41 -12.32 -23.97
CA GLU B 219 -12.62 -13.68 -23.52
C GLU B 219 -11.32 -14.40 -23.70
N GLU B 220 -10.50 -13.92 -24.62
CA GLU B 220 -9.17 -14.47 -24.79
C GLU B 220 -8.27 -13.98 -23.66
N LEU B 221 -8.37 -12.68 -23.35
CA LEU B 221 -7.60 -12.08 -22.28
C LEU B 221 -8.04 -12.64 -20.92
N VAL B 222 -9.34 -12.76 -20.70
CA VAL B 222 -9.81 -13.35 -19.45
C VAL B 222 -9.36 -14.79 -19.46
N GLY B 223 -9.58 -15.50 -20.58
CA GLY B 223 -9.13 -16.88 -20.70
C GLY B 223 -9.67 -17.78 -19.60
N ASP B 224 -8.81 -18.58 -18.97
CA ASP B 224 -9.27 -19.52 -17.93
C ASP B 224 -8.98 -19.06 -16.49
N SER B 225 -9.07 -17.76 -16.24
CA SER B 225 -8.89 -17.16 -14.93
C SER B 225 -9.79 -17.70 -13.81
N THR B 226 -9.31 -17.57 -12.58
CA THR B 226 -10.00 -17.98 -11.39
C THR B 226 -10.48 -16.78 -10.57
N PHE B 227 -9.92 -15.62 -10.90
CA PHE B 227 -10.24 -14.39 -10.19
C PHE B 227 -9.88 -13.22 -11.08
N ILE B 228 -10.59 -12.10 -10.95
CA ILE B 228 -10.27 -10.94 -11.76
C ILE B 228 -10.14 -9.71 -10.86
N ILE B 229 -9.14 -8.87 -11.12
CA ILE B 229 -8.99 -7.62 -10.38
C ILE B 229 -9.10 -6.43 -11.33
N LEU B 230 -10.01 -5.49 -11.05
CA LEU B 230 -10.14 -4.28 -11.90
C LEU B 230 -10.74 -3.03 -11.22
N ALA B 231 -10.60 -1.87 -11.87
CA ALA B 231 -11.10 -0.58 -11.36
C ALA B 231 -12.46 -0.15 -11.95
N TRP B 232 -13.11 0.83 -11.29
CA TRP B 232 -14.36 1.42 -11.77
C TRP B 232 -15.35 0.43 -12.40
N THR B 242 -17.02 0.90 -21.09
CA THR B 242 -17.74 -0.36 -21.27
C THR B 242 -16.85 -1.58 -21.11
N ALA B 243 -15.56 -1.47 -21.44
CA ALA B 243 -14.67 -2.66 -21.34
C ALA B 243 -14.74 -3.28 -19.95
N GLU B 244 -14.80 -2.45 -18.91
CA GLU B 244 -15.00 -2.95 -17.57
C GLU B 244 -16.27 -3.80 -17.60
N GLU B 245 -17.30 -3.30 -18.30
CA GLU B 245 -18.60 -3.97 -18.35
C GLU B 245 -18.62 -5.24 -19.18
N ILE B 246 -17.85 -5.27 -20.27
CA ILE B 246 -17.81 -6.48 -21.08
C ILE B 246 -17.14 -7.59 -20.27
N ILE B 247 -16.07 -7.25 -19.55
CA ILE B 247 -15.37 -8.21 -18.68
C ILE B 247 -16.27 -8.78 -17.59
N HIS B 248 -16.89 -7.88 -16.84
CA HIS B 248 -17.87 -8.26 -15.83
C HIS B 248 -18.82 -9.28 -16.39
N SER B 249 -19.29 -9.03 -17.61
CA SER B 249 -20.18 -9.94 -18.29
C SER B 249 -19.48 -11.27 -18.54
N ILE B 250 -18.25 -11.21 -19.06
CA ILE B 250 -17.49 -12.43 -19.30
C ILE B 250 -17.36 -13.19 -18.01
N ALA B 251 -17.13 -12.42 -16.94
CA ALA B 251 -16.90 -12.98 -15.62
C ALA B 251 -18.14 -13.74 -15.16
N LYS B 252 -19.30 -13.11 -15.34
CA LYS B 252 -20.58 -13.75 -15.01
C LYS B 252 -20.80 -15.08 -15.75
N ASP B 253 -20.44 -15.13 -17.04
CA ASP B 253 -20.60 -16.32 -17.87
C ASP B 253 -19.72 -17.51 -17.46
N LYS B 254 -18.52 -17.21 -16.97
CA LYS B 254 -17.56 -18.27 -16.64
C LYS B 254 -17.52 -18.54 -15.14
N ALA B 255 -18.43 -17.91 -14.38
CA ALA B 255 -18.46 -18.04 -12.91
C ALA B 255 -17.12 -17.69 -12.30
N ILE B 256 -16.66 -16.46 -12.49
CA ILE B 256 -15.38 -16.02 -11.99
C ILE B 256 -15.57 -14.88 -11.01
N PRO B 257 -15.07 -15.03 -9.77
CA PRO B 257 -15.15 -13.95 -8.79
C PRO B 257 -14.43 -12.70 -9.30
N VAL B 258 -15.03 -11.52 -9.09
CA VAL B 258 -14.42 -10.27 -9.50
C VAL B 258 -14.41 -9.25 -8.38
N ILE B 259 -13.25 -8.62 -8.16
CA ILE B 259 -13.13 -7.59 -7.14
C ILE B 259 -12.74 -6.24 -7.73
N GLU B 260 -13.40 -5.19 -7.28
CA GLU B 260 -13.09 -3.84 -7.75
C GLU B 260 -12.34 -3.03 -6.69
N LEU B 261 -11.93 -1.83 -7.07
CA LEU B 261 -11.23 -0.97 -6.16
C LEU B 261 -10.93 0.31 -6.91
N GLY B 262 -10.58 1.35 -6.18
CA GLY B 262 -10.19 2.62 -6.78
C GLY B 262 -10.24 3.75 -5.78
N GLY B 263 -9.46 4.80 -6.04
CA GLY B 263 -9.40 5.95 -5.15
C GLY B 263 -8.13 6.77 -5.32
N ASP B 264 -7.85 7.65 -4.34
CA ASP B 264 -6.67 8.49 -4.42
C ASP B 264 -6.04 8.68 -3.05
N PRO B 265 -4.86 9.32 -3.03
CA PRO B 265 -4.15 9.71 -1.81
C PRO B 265 -5.01 10.30 -0.70
N LEU B 266 -6.19 10.81 -0.98
CA LEU B 266 -6.98 11.39 0.09
C LEU B 266 -7.93 10.37 0.69
N GLU B 267 -8.60 9.59 -0.17
CA GLU B 267 -9.39 8.45 0.34
C GLU B 267 -9.49 7.31 -0.69
N ILE B 268 -9.45 6.07 -0.18
CA ILE B 268 -9.39 4.87 -1.00
C ILE B 268 -10.59 3.96 -0.76
N SER B 269 -10.90 3.12 -1.73
CA SER B 269 -11.98 2.15 -1.54
C SER B 269 -11.58 0.82 -2.12
N VAL B 270 -12.08 -0.25 -1.56
CA VAL B 270 -11.80 -1.51 -2.19
C VAL B 270 -13.19 -2.01 -2.41
N GLY B 271 -13.54 -2.01 -3.70
CA GLY B 271 -14.90 -2.21 -4.17
C GLY B 271 -15.39 -3.56 -3.76
N PRO B 272 -16.60 -3.91 -4.19
CA PRO B 272 -17.22 -5.18 -3.77
C PRO B 272 -16.60 -6.39 -4.45
N ILE B 273 -16.75 -7.54 -3.83
CA ILE B 273 -16.46 -8.79 -4.50
C ILE B 273 -17.74 -9.32 -5.14
N TYR B 274 -17.63 -9.80 -6.36
CA TYR B 274 -18.73 -10.49 -6.98
C TYR B 274 -18.33 -11.95 -7.05
N LEU B 275 -18.99 -12.83 -6.30
CA LEU B 275 -18.60 -14.25 -6.33
C LEU B 275 -18.94 -14.89 -7.69
N ASN B 276 -20.04 -14.47 -8.30
CA ASN B 276 -20.47 -15.00 -9.60
C ASN B 276 -20.56 -16.52 -9.64
N ASP B 277 -21.14 -17.08 -8.59
CA ASP B 277 -21.38 -18.51 -8.44
C ASP B 277 -22.86 -18.80 -8.72
N GLY B 278 -23.60 -17.74 -9.02
CA GLY B 278 -25.04 -17.77 -8.98
C GLY B 278 -25.24 -17.38 -7.52
N VAL B 279 -26.44 -17.57 -6.98
CA VAL B 279 -26.73 -17.30 -5.56
C VAL B 279 -26.16 -15.99 -4.95
N HIS B 280 -25.90 -15.00 -5.79
CA HIS B 280 -25.46 -13.66 -5.35
C HIS B 280 -25.91 -12.65 -6.43
N SER B 281 -25.96 -11.36 -6.10
CA SER B 281 -26.60 -10.42 -6.99
C SER B 281 -25.93 -10.22 -8.34
N GLY B 282 -24.62 -10.03 -8.35
CA GLY B 282 -23.94 -9.82 -9.61
C GLY B 282 -23.93 -8.39 -10.14
N PHE B 283 -23.10 -8.16 -11.17
CA PHE B 283 -22.81 -6.82 -11.61
C PHE B 283 -23.99 -6.03 -12.17
N ASP B 284 -24.81 -6.72 -12.94
CA ASP B 284 -25.96 -6.11 -13.59
C ASP B 284 -26.86 -5.31 -12.65
N GLU B 285 -27.25 -5.95 -11.55
CA GLU B 285 -28.09 -5.36 -10.51
C GLU B 285 -27.53 -4.03 -10.00
N VAL B 286 -26.22 -3.91 -9.97
CA VAL B 286 -25.60 -2.67 -9.51
C VAL B 286 -25.49 -1.68 -10.67
N LYS B 287 -25.56 -2.20 -11.89
CA LYS B 287 -25.33 -1.42 -13.12
C LYS B 287 -26.34 -0.28 -13.34
N ASN B 288 -27.55 -0.43 -12.81
CA ASN B 288 -28.61 0.58 -12.90
C ASN B 288 -29.09 1.00 -11.50
N SER B 299 -21.15 26.00 -4.67
CA SER B 299 -20.21 24.95 -5.06
C SER B 299 -20.46 23.60 -4.35
N ASP B 300 -20.94 22.61 -5.11
CA ASP B 300 -21.14 21.27 -4.57
C ASP B 300 -19.80 20.51 -4.51
N ILE B 301 -19.42 20.04 -3.33
CA ILE B 301 -18.31 19.10 -3.25
C ILE B 301 -18.63 17.85 -4.08
N ARG B 302 -19.91 17.70 -4.45
CA ARG B 302 -20.38 16.48 -5.11
C ARG B 302 -20.33 16.57 -6.62
N LYS B 303 -20.78 17.71 -7.15
CA LYS B 303 -20.91 17.88 -8.60
C LYS B 303 -19.55 17.90 -9.30
N PHE B 304 -18.56 18.50 -8.66
CA PHE B 304 -17.20 18.47 -9.19
C PHE B 304 -16.58 17.10 -8.97
N GLN B 305 -17.04 16.39 -7.95
CA GLN B 305 -16.67 14.98 -7.81
C GLN B 305 -17.15 14.25 -9.05
N GLU B 306 -18.44 14.37 -9.35
CA GLU B 306 -19.09 13.67 -10.47
C GLU B 306 -18.44 14.01 -11.81
N ALA B 307 -18.27 15.31 -12.07
CA ALA B 307 -17.59 15.78 -13.27
C ALA B 307 -16.16 15.25 -13.43
N ARG B 308 -15.44 15.06 -12.33
CA ARG B 308 -14.05 14.61 -12.43
C ARG B 308 -13.94 13.16 -12.85
N LEU B 309 -14.80 12.32 -12.27
CA LEU B 309 -14.76 10.92 -12.60
C LEU B 309 -15.15 10.76 -14.07
N LYS B 310 -15.90 11.73 -14.61
CA LYS B 310 -16.28 11.75 -16.02
C LYS B 310 -15.20 12.37 -16.90
N HIS B 311 -14.11 12.79 -16.29
CA HIS B 311 -12.98 13.31 -17.04
C HIS B 311 -13.24 14.57 -17.86
N SER B 312 -14.30 15.32 -17.58
CA SER B 312 -14.48 16.53 -18.36
C SER B 312 -13.57 17.64 -17.81
N PHE B 313 -12.45 17.86 -18.50
CA PHE B 313 -11.49 18.87 -18.09
C PHE B 313 -11.23 19.92 -19.18
N ILE B 314 -11.22 21.18 -18.76
CA ILE B 314 -10.99 22.30 -19.66
C ILE B 314 -9.53 22.74 -19.67
N ASP B 315 -8.61 21.80 -19.84
CA ASP B 315 -7.21 22.14 -19.69
C ASP B 315 -6.62 22.88 -20.90
N GLY B 316 -7.06 22.52 -22.08
CA GLY B 316 -6.53 23.18 -23.25
C GLY B 316 -5.19 22.63 -23.61
N ASP B 317 -4.24 23.50 -23.92
CA ASP B 317 -2.94 23.06 -24.42
C ASP B 317 -1.94 22.84 -23.26
N ARG B 318 -2.42 23.07 -22.03
CA ARG B 318 -1.63 22.77 -20.84
C ARG B 318 -1.69 21.28 -20.57
N LYS B 319 -0.54 20.64 -20.30
CA LYS B 319 -0.52 19.18 -20.02
C LYS B 319 -0.59 18.89 -18.52
N VAL B 320 -1.71 18.32 -18.08
CA VAL B 320 -1.95 18.05 -16.66
C VAL B 320 -1.89 16.55 -16.27
N ASN B 321 -1.10 16.21 -15.27
CA ASN B 321 -0.92 14.80 -14.95
C ASN B 321 -1.67 14.44 -13.68
N ALA B 322 -1.86 13.14 -13.48
CA ALA B 322 -2.57 12.66 -12.32
C ALA B 322 -1.66 12.59 -11.12
N TRP B 323 -2.14 13.15 -10.02
CA TRP B 323 -1.43 13.20 -8.76
C TRP B 323 -1.59 11.90 -7.98
N GLN B 324 -0.50 11.17 -7.84
CA GLN B 324 -0.52 9.86 -7.19
C GLN B 324 0.80 9.62 -6.43
N SER B 325 0.76 8.86 -5.33
CA SER B 325 2.00 8.43 -4.65
C SER B 325 1.84 7.05 -3.99
N ALA B 326 2.95 6.45 -3.60
CA ALA B 326 2.96 5.04 -3.21
C ALA B 326 2.04 4.66 -2.03
N PRO B 327 1.99 5.47 -0.96
CA PRO B 327 1.25 5.07 0.24
C PRO B 327 -0.21 4.61 0.05
N SER B 328 -0.96 5.34 -0.77
CA SER B 328 -2.38 5.05 -0.99
C SER B 328 -2.57 3.75 -1.77
N LEU B 329 -1.67 3.47 -2.69
CA LEU B 329 -1.79 2.26 -3.48
C LEU B 329 -1.51 1.02 -2.66
N SER B 330 -0.52 1.06 -1.78
CA SER B 330 -0.16 -0.13 -1.02
C SER B 330 -1.27 -0.51 -0.04
N ILE B 331 -1.89 0.50 0.58
CA ILE B 331 -2.98 0.24 1.50
C ILE B 331 -4.14 -0.48 0.81
N ALA B 333 -4.05 -2.01 -2.16
CA ALA B 333 -3.51 -3.26 -2.69
C ALA B 333 -3.42 -4.33 -1.61
N GLY B 334 -3.16 -3.92 -0.36
CA GLY B 334 -3.10 -4.86 0.74
C GLY B 334 -4.48 -5.35 1.16
N ILE B 335 -5.43 -4.43 1.26
CA ILE B 335 -6.82 -4.78 1.53
C ILE B 335 -7.35 -5.72 0.46
N VAL B 336 -7.00 -5.44 -0.80
CA VAL B 336 -7.43 -6.28 -1.91
C VAL B 336 -6.85 -7.69 -1.84
N THR B 337 -5.55 -7.80 -1.65
CA THR B 337 -4.91 -9.12 -1.67
C THR B 337 -5.40 -9.97 -0.52
N ASP B 338 -5.49 -9.38 0.67
CA ASP B 338 -6.06 -10.10 1.80
C ASP B 338 -7.47 -10.64 1.52
N GLN B 339 -8.34 -9.79 0.97
CA GLN B 339 -9.70 -10.21 0.68
C GLN B 339 -9.75 -11.29 -0.40
N VAL B 340 -8.88 -11.19 -1.40
CA VAL B 340 -8.86 -12.20 -2.43
C VAL B 340 -8.39 -13.54 -1.86
N VAL B 341 -7.36 -13.52 -1.01
CA VAL B 341 -6.81 -14.73 -0.38
C VAL B 341 -7.83 -15.43 0.50
N LYS B 342 -8.56 -14.67 1.30
CA LYS B 342 -9.68 -15.24 2.06
C LYS B 342 -10.75 -15.89 1.15
N THR B 343 -11.05 -15.28 0.00
CA THR B 343 -12.07 -15.83 -0.87
C THR B 343 -11.63 -17.15 -1.48
N ILE B 344 -10.47 -17.15 -2.13
CA ILE B 344 -9.94 -18.33 -2.77
C ILE B 344 -9.80 -19.54 -1.82
N THR B 345 -9.24 -19.30 -0.65
CA THR B 345 -8.90 -20.37 0.24
C THR B 345 -10.02 -20.77 1.19
N GLY B 346 -10.70 -19.78 1.75
CA GLY B 346 -11.72 -20.03 2.73
C GLY B 346 -11.15 -20.20 4.13
N TYR B 347 -9.93 -19.72 4.35
CA TYR B 347 -9.35 -19.85 5.67
C TYR B 347 -10.09 -18.94 6.62
N ASP B 348 -10.77 -17.96 6.04
CA ASP B 348 -11.56 -17.05 6.85
C ASP B 348 -12.53 -16.32 5.94
N LYS B 349 -13.60 -15.78 6.52
CA LYS B 349 -14.66 -15.22 5.72
C LYS B 349 -14.23 -13.85 5.21
N PRO B 350 -14.59 -13.53 3.94
CA PRO B 350 -14.23 -12.25 3.35
C PRO B 350 -15.34 -11.24 3.54
N HIS B 351 -15.00 -10.09 4.10
CA HIS B 351 -15.95 -9.00 4.35
C HIS B 351 -16.59 -8.45 3.08
N LEU B 352 -15.72 -8.17 2.10
CA LEU B 352 -16.04 -7.38 0.92
C LEU B 352 -17.04 -7.95 -0.09
N VAL B 353 -17.59 -9.14 0.13
CA VAL B 353 -18.66 -9.59 -0.76
C VAL B 353 -19.85 -8.64 -0.62
N GLY B 354 -20.15 -7.91 -1.69
CA GLY B 354 -21.29 -7.02 -1.67
C GLY B 354 -21.11 -5.73 -0.89
N LYS B 355 -19.89 -5.48 -0.43
CA LYS B 355 -19.66 -4.26 0.32
C LYS B 355 -18.50 -3.47 -0.28
N LYS B 356 -18.50 -2.17 -0.03
CA LYS B 356 -17.45 -1.29 -0.48
C LYS B 356 -16.91 -0.65 0.79
N PHE B 357 -15.59 -0.71 1.02
CA PHE B 357 -15.01 -0.11 2.22
C PHE B 357 -14.36 1.21 1.86
N ILE B 358 -14.78 2.29 2.49
CA ILE B 358 -14.25 3.60 2.12
C ILE B 358 -13.50 4.19 3.30
N LEU B 359 -12.24 4.56 3.09
CA LEU B 359 -11.41 5.06 4.17
C LEU B 359 -10.67 6.31 3.77
N SER B 360 -10.91 7.39 4.51
CA SER B 360 -10.17 8.64 4.34
C SER B 360 -8.74 8.45 4.79
N LEU B 361 -7.76 8.91 4.03
CA LEU B 361 -6.39 8.84 4.52
C LEU B 361 -5.98 10.12 5.21
N GLN B 362 -6.92 11.05 5.33
CA GLN B 362 -6.66 12.31 6.00
C GLN B 362 -7.01 12.24 7.50
N ASP B 363 -8.25 11.87 7.81
CA ASP B 363 -8.74 11.80 9.19
C ASP B 363 -9.19 10.40 9.59
N PHE B 364 -8.92 9.41 8.74
CA PHE B 364 -9.14 8.01 9.05
C PHE B 364 -10.55 7.64 9.48
N ARG B 365 -11.55 8.38 9.00
CA ARG B 365 -12.92 7.90 9.13
C ARG B 365 -13.23 6.99 7.95
N SER B 366 -13.98 5.94 8.23
CA SER B 366 -14.28 4.95 7.21
C SER B 366 -15.77 4.69 7.15
N ARG B 367 -16.20 3.97 6.14
CA ARG B 367 -17.60 3.62 6.05
C ARG B 367 -17.79 2.47 5.07
N GLU B 368 -18.87 1.71 5.28
CA GLU B 368 -19.23 0.60 4.41
C GLU B 368 -20.34 0.99 3.45
N GLU B 369 -20.40 0.32 2.30
CA GLU B 369 -21.52 0.48 1.35
C GLU B 369 -22.04 -0.88 0.88
N GLU B 370 -23.33 -1.16 1.10
CA GLU B 370 -23.91 -2.39 0.57
C GLU B 370 -24.23 -2.24 -0.92
N ILE B 371 -23.98 -3.31 -1.67
CA ILE B 371 -24.33 -3.39 -3.08
C ILE B 371 -25.34 -4.54 -3.21
N PHE B 372 -25.20 -5.51 -2.31
CA PHE B 372 -26.16 -6.61 -2.15
C PHE B 372 -25.81 -7.43 -0.88
#